data_7UO1
#
_entry.id   7UO1
#
_cell.length_a   1.00
_cell.length_b   1.00
_cell.length_c   1.00
_cell.angle_alpha   90.00
_cell.angle_beta   90.00
_cell.angle_gamma   90.00
#
_symmetry.space_group_name_H-M   'P 1'
#
loop_
_entity.id
_entity.type
_entity.pdbx_description
1 polymer 'E.coli RNase P RNA'
2 polymer 'Precursor tRNA substrate U(-1) and A(-2)'
3 polymer 'Ribonuclease P protein component'
4 non-polymer 'CALCIUM ION'
#
loop_
_entity_poly.entity_id
_entity_poly.type
_entity_poly.pdbx_seq_one_letter_code
_entity_poly.pdbx_strand_id
1 'polyribonucleotide'
;GAAGCUGACCAGACAGUCGCCGCUUCGUCGUCGUCCUCUUCGGGGGAGACGGGCGGAGGGGAGGAAAGUCCGGGCUCCAU
AGGGCAGGGUGCCAGGUAACGCCUGGGGGGGAAACCCACGACCAGUGCAACAGAGAGCAAACCGCCGAUGGCCCGCGCAA
GCGGGAUCAGGUAAGGGUGAAAGGGUGCGGUAAGAGCGCACCGCGCGGCUGGUAACAGUCCGUGGCACGGUAAACUCCAC
CCGGAGCAAGGCCAAAUAGGGGUUCAUAAGGUACGGCCCGUACUGAACCCGGGUAGGCUGCUUGAGCCAGUGAGCGAUUG
CUGGCCUAGAUGAAUGACUGUCCACGACAGAACCCGGCUUAUCGGUCAGUUUC
;
B
2 'polyribonucleotide'
;UCUAUGGCUACGUAGCUCAGUUGGUUAGAGCACAUCACUCAUAAUGAUGGGGUCACAGGUUCGAAUCCCGUCGUAGCCAC
CA
;
C
3 'polypeptide(L)'
;KLAFPRELRLLTPSQFTFVFQQPQRAGTPQITILGRLNSLGHPRIGLTVAKKNVRRAHERNRIKRLTRESFRLRQHELPA
MDFVVVAKKGVADLDNRALSEALEKLWRRHCR
;
A
#
# COMPACT_ATOMS: atom_id res chain seq x y z
N LYS C 1 11.96 6.86 21.56
CA LYS C 1 10.68 6.10 21.70
C LYS C 1 10.67 4.92 20.74
N LEU C 2 9.53 4.22 20.70
CA LEU C 2 9.40 3.07 19.81
C LEU C 2 9.52 3.50 18.36
N ALA C 3 10.26 2.72 17.58
CA ALA C 3 10.40 2.97 16.16
C ALA C 3 9.12 2.58 15.43
N PHE C 4 9.22 2.28 14.15
CA PHE C 4 8.03 1.87 13.39
C PHE C 4 7.46 0.59 14.00
N PRO C 5 6.15 0.52 14.25
CA PRO C 5 5.57 -0.70 14.83
C PRO C 5 5.41 -1.78 13.77
N ARG C 6 6.11 -2.90 13.95
CA ARG C 6 6.01 -3.99 12.99
C ARG C 6 4.60 -4.54 12.86
N GLU C 7 3.71 -4.23 13.80
CA GLU C 7 2.34 -4.69 13.74
C GLU C 7 1.51 -3.95 12.70
N LEU C 8 2.13 -3.05 11.92
CA LEU C 8 1.43 -2.31 10.87
C LEU C 8 1.88 -2.72 9.48
N ARG C 9 2.59 -3.83 9.34
CA ARG C 9 3.09 -4.30 8.07
C ARG C 9 2.71 -5.77 7.88
N LEU C 10 2.74 -6.21 6.62
CA LEU C 10 2.50 -7.61 6.27
C LEU C 10 3.85 -8.29 6.08
N LEU C 11 4.21 -9.14 7.03
CA LEU C 11 5.53 -9.79 7.04
C LEU C 11 5.46 -11.20 6.45
N THR C 12 4.64 -12.07 7.02
CA THR C 12 4.59 -13.45 6.59
C THR C 12 3.66 -13.60 5.38
N PRO C 13 3.91 -14.58 4.50
CA PRO C 13 3.00 -14.80 3.37
C PRO C 13 1.59 -15.18 3.80
N SER C 14 1.42 -15.69 5.02
CA SER C 14 0.08 -16.04 5.49
C SER C 14 -0.82 -14.81 5.53
N GLN C 15 -0.31 -13.69 6.04
CA GLN C 15 -1.10 -12.47 6.06
C GLN C 15 -1.39 -11.96 4.66
N PHE C 16 -0.42 -12.10 3.75
CA PHE C 16 -0.64 -11.69 2.37
C PHE C 16 -1.78 -12.49 1.75
N THR C 17 -1.76 -13.81 1.93
CA THR C 17 -2.84 -14.64 1.39
C THR C 17 -4.18 -14.29 2.05
N PHE C 18 -4.17 -14.08 3.37
CA PHE C 18 -5.39 -13.69 4.07
C PHE C 18 -5.98 -12.43 3.47
N VAL C 19 -5.13 -11.43 3.20
CA VAL C 19 -5.62 -10.19 2.59
C VAL C 19 -6.13 -10.46 1.18
N PHE C 20 -5.41 -11.28 0.42
CA PHE C 20 -5.81 -11.57 -0.96
C PHE C 20 -7.04 -12.45 -1.06
N GLN C 21 -7.51 -13.02 0.07
CA GLN C 21 -8.70 -13.87 0.05
C GLN C 21 -9.84 -13.21 -0.71
N GLN C 22 -10.56 -12.31 -0.05
CA GLN C 22 -11.71 -11.60 -0.65
C GLN C 22 -11.68 -10.16 -0.19
N PRO C 23 -10.70 -9.38 -0.64
CA PRO C 23 -10.61 -7.97 -0.25
C PRO C 23 -11.37 -7.05 -1.19
N GLN C 24 -11.61 -5.84 -0.71
CA GLN C 24 -12.18 -4.79 -1.54
C GLN C 24 -11.06 -4.11 -2.31
N ARG C 25 -11.18 -4.10 -3.63
CA ARG C 25 -10.14 -3.59 -4.52
C ARG C 25 -10.50 -2.19 -5.03
N ALA C 26 -9.46 -1.38 -5.23
CA ALA C 26 -9.66 -0.06 -5.82
C ALA C 26 -8.31 0.48 -6.29
N GLY C 27 -8.28 1.04 -7.49
CA GLY C 27 -7.01 1.54 -8.01
C GLY C 27 -7.18 2.11 -9.40
N THR C 28 -6.11 2.74 -9.86
CA THR C 28 -5.98 3.29 -11.19
C THR C 28 -5.18 2.34 -12.06
N PRO C 29 -5.09 2.60 -13.37
CA PRO C 29 -4.30 1.72 -14.25
C PRO C 29 -2.84 1.58 -13.85
N GLN C 30 -2.36 2.38 -12.88
CA GLN C 30 -0.97 2.30 -12.43
C GLN C 30 -0.83 1.45 -11.18
N ILE C 31 -1.46 1.84 -10.08
CA ILE C 31 -1.35 1.14 -8.81
C ILE C 31 -2.75 0.80 -8.31
N THR C 32 -2.84 -0.28 -7.54
CA THR C 32 -4.10 -0.73 -6.96
C THR C 32 -3.88 -1.10 -5.50
N ILE C 33 -4.96 -1.04 -4.73
CA ILE C 33 -4.93 -1.35 -3.30
C ILE C 33 -6.10 -2.27 -3.00
N LEU C 34 -5.83 -3.34 -2.25
CA LEU C 34 -6.84 -4.29 -1.80
C LEU C 34 -6.87 -4.26 -0.28
N GLY C 35 -8.03 -3.98 0.29
CA GLY C 35 -8.18 -3.84 1.73
C GLY C 35 -9.17 -4.84 2.29
N ARG C 36 -8.81 -5.42 3.44
CA ARG C 36 -9.68 -6.35 4.14
C ARG C 36 -9.79 -5.92 5.60
N LEU C 37 -10.81 -6.43 6.27
CA LEU C 37 -11.04 -6.13 7.69
C LEU C 37 -10.29 -7.12 8.56
N ASN C 38 -9.67 -6.60 9.62
CA ASN C 38 -8.91 -7.42 10.55
C ASN C 38 -9.53 -7.36 11.94
N SER C 39 -8.76 -7.75 12.96
CA SER C 39 -9.25 -7.73 14.34
C SER C 39 -8.18 -7.26 15.30
N LEU C 40 -7.31 -6.34 14.87
CA LEU C 40 -6.25 -5.81 15.72
C LEU C 40 -6.53 -4.41 16.23
N GLY C 41 -7.43 -3.66 15.58
CA GLY C 41 -7.76 -2.31 15.96
C GLY C 41 -7.02 -1.25 15.18
N HIS C 42 -5.84 -1.58 14.65
CA HIS C 42 -5.05 -0.64 13.87
C HIS C 42 -4.91 -1.14 12.44
N PRO C 43 -4.70 -0.25 11.48
CA PRO C 43 -4.59 -0.67 10.09
C PRO C 43 -3.20 -1.20 9.75
N ARG C 44 -3.13 -1.96 8.67
CA ARG C 44 -1.89 -2.50 8.16
C ARG C 44 -1.81 -2.26 6.66
N ILE C 45 -0.58 -2.22 6.15
CA ILE C 45 -0.32 -1.97 4.74
C ILE C 45 0.65 -3.01 4.22
N GLY C 46 0.53 -3.32 2.92
CA GLY C 46 1.43 -4.25 2.29
C GLY C 46 1.85 -3.73 0.92
N LEU C 47 3.05 -4.14 0.52
CA LEU C 47 3.64 -3.71 -0.75
C LEU C 47 3.90 -4.92 -1.63
N THR C 48 3.73 -4.74 -2.94
CA THR C 48 3.94 -5.82 -3.91
C THR C 48 4.39 -5.16 -5.22
N VAL C 49 5.70 -5.02 -5.39
CA VAL C 49 6.29 -4.43 -6.58
C VAL C 49 7.12 -5.53 -7.25
N ALA C 50 6.58 -6.13 -8.29
CA ALA C 50 7.27 -7.19 -9.00
C ALA C 50 8.36 -6.62 -9.91
N LYS C 51 9.31 -7.50 -10.27
CA LYS C 51 10.39 -7.07 -11.15
C LYS C 51 9.91 -6.80 -12.56
N LYS C 52 8.88 -7.52 -13.02
CA LYS C 52 8.36 -7.28 -14.36
C LYS C 52 7.67 -5.93 -14.47
N ASN C 53 6.98 -5.51 -13.41
CA ASN C 53 6.31 -4.22 -13.43
C ASN C 53 7.32 -3.08 -13.39
N VAL C 54 8.39 -3.25 -12.61
CA VAL C 54 9.44 -2.23 -12.49
C VAL C 54 10.77 -2.96 -12.44
N ARG C 55 11.61 -2.74 -13.46
CA ARG C 55 12.90 -3.41 -13.53
C ARG C 55 13.92 -2.72 -12.64
N ARG C 56 14.00 -1.39 -12.71
CA ARG C 56 14.96 -0.65 -11.90
C ARG C 56 14.65 -0.81 -10.42
N ALA C 57 15.66 -1.24 -9.64
CA ALA C 57 15.45 -1.43 -8.22
C ALA C 57 15.31 -0.11 -7.48
N HIS C 58 15.98 0.95 -7.97
CA HIS C 58 15.85 2.25 -7.31
C HIS C 58 14.42 2.76 -7.39
N GLU C 59 13.74 2.54 -8.52
CA GLU C 59 12.36 2.95 -8.64
C GLU C 59 11.46 2.14 -7.71
N ARG C 60 11.74 0.84 -7.57
CA ARG C 60 10.99 0.01 -6.64
C ARG C 60 11.13 0.53 -5.21
N ASN C 61 12.37 0.80 -4.80
CA ASN C 61 12.60 1.33 -3.46
C ASN C 61 11.90 2.68 -3.28
N ARG C 62 11.94 3.53 -4.31
CA ARG C 62 11.30 4.84 -4.22
C ARG C 62 9.80 4.70 -4.02
N ILE C 63 9.15 3.85 -4.82
CA ILE C 63 7.70 3.69 -4.71
C ILE C 63 7.35 3.07 -3.36
N LYS C 64 8.13 2.10 -2.90
CA LYS C 64 7.85 1.47 -1.61
C LYS C 64 7.95 2.49 -0.48
N ARG C 65 9.02 3.29 -0.49
CA ARG C 65 9.20 4.28 0.57
C ARG C 65 8.11 5.35 0.50
N LEU C 66 7.71 5.77 -0.70
CA LEU C 66 6.64 6.74 -0.82
C LEU C 66 5.34 6.19 -0.26
N THR C 67 5.00 4.95 -0.60
CA THR C 67 3.79 4.34 -0.08
C THR C 67 3.84 4.22 1.44
N ARG C 68 4.99 3.83 1.99
CA ARG C 68 5.11 3.70 3.44
C ARG C 68 4.97 5.05 4.12
N GLU C 69 5.56 6.10 3.54
CA GLU C 69 5.44 7.43 4.12
C GLU C 69 3.99 7.91 4.07
N SER C 70 3.31 7.68 2.94
CA SER C 70 1.91 8.07 2.84
C SER C 70 1.06 7.34 3.87
N PHE C 71 1.33 6.05 4.08
CA PHE C 71 0.59 5.29 5.06
C PHE C 71 0.84 5.82 6.47
N ARG C 72 2.11 6.07 6.81
CA ARG C 72 2.43 6.60 8.12
C ARG C 72 1.78 7.95 8.35
N LEU C 73 1.69 8.76 7.30
CA LEU C 73 1.04 10.07 7.43
C LEU C 73 -0.45 9.92 7.63
N ARG C 74 -1.10 9.09 6.83
CA ARG C 74 -2.54 8.88 6.90
C ARG C 74 -2.87 7.60 7.65
N GLN C 75 -2.25 7.42 8.83
CA GLN C 75 -2.48 6.23 9.64
C GLN C 75 -3.64 6.44 10.61
N HIS C 76 -3.68 7.58 11.29
CA HIS C 76 -4.76 7.85 12.25
C HIS C 76 -6.11 8.03 11.58
N GLU C 77 -6.13 8.34 10.28
CA GLU C 77 -7.38 8.59 9.57
C GLU C 77 -7.95 7.33 8.93
N LEU C 78 -7.08 6.45 8.42
CA LEU C 78 -7.55 5.25 7.76
C LEU C 78 -8.27 4.34 8.76
N PRO C 79 -9.22 3.53 8.30
CA PRO C 79 -9.92 2.62 9.20
C PRO C 79 -9.11 1.38 9.51
N ALA C 80 -9.41 0.77 10.66
CA ALA C 80 -8.72 -0.43 11.09
C ALA C 80 -8.88 -1.53 10.05
N MET C 81 -7.98 -1.56 9.06
CA MET C 81 -8.05 -2.54 8.00
C MET C 81 -6.65 -2.83 7.48
N ASP C 82 -6.45 -4.04 6.98
CA ASP C 82 -5.17 -4.46 6.41
C ASP C 82 -5.21 -4.24 4.91
N PHE C 83 -4.29 -3.46 4.39
CA PHE C 83 -4.22 -3.12 2.97
C PHE C 83 -2.98 -3.71 2.33
N VAL C 84 -3.07 -3.96 1.03
CA VAL C 84 -1.95 -4.46 0.24
C VAL C 84 -1.94 -3.71 -1.09
N VAL C 85 -0.78 -3.16 -1.45
CA VAL C 85 -0.63 -2.35 -2.66
C VAL C 85 0.06 -3.19 -3.73
N VAL C 86 -0.35 -3.00 -4.98
CA VAL C 86 0.20 -3.72 -6.12
C VAL C 86 0.41 -2.74 -7.26
N ALA C 87 1.64 -2.70 -7.79
CA ALA C 87 1.97 -1.82 -8.90
C ALA C 87 1.79 -2.55 -10.23
N LYS C 88 1.69 -1.77 -11.30
CA LYS C 88 1.50 -2.28 -12.64
C LYS C 88 2.56 -1.67 -13.56
N LYS C 89 2.51 -2.05 -14.84
CA LYS C 89 3.45 -1.54 -15.84
C LYS C 89 2.99 -0.16 -16.28
N GLY C 90 3.79 0.86 -15.98
CA GLY C 90 3.47 2.22 -16.36
C GLY C 90 3.47 3.17 -15.19
N VAL C 91 4.14 2.79 -14.11
CA VAL C 91 4.21 3.62 -12.91
C VAL C 91 5.59 4.21 -12.69
N ALA C 92 6.65 3.65 -13.30
CA ALA C 92 7.98 4.19 -13.11
C ALA C 92 8.12 5.59 -13.70
N ASP C 93 7.33 5.91 -14.72
CA ASP C 93 7.39 7.22 -15.35
C ASP C 93 6.62 8.30 -14.59
N LEU C 94 6.00 7.96 -13.46
CA LEU C 94 5.25 8.92 -12.68
C LEU C 94 6.18 9.68 -11.73
N ASP C 95 5.84 10.93 -11.48
CA ASP C 95 6.64 11.77 -10.60
C ASP C 95 6.26 11.53 -9.13
N ASN C 96 7.00 12.17 -8.23
CA ASN C 96 6.74 12.01 -6.81
C ASN C 96 5.43 12.69 -6.41
N ARG C 97 5.23 13.92 -6.86
CA ARG C 97 4.01 14.66 -6.50
C ARG C 97 2.78 13.97 -7.06
N ALA C 98 2.82 13.60 -8.35
CA ALA C 98 1.66 12.97 -8.96
C ALA C 98 1.34 11.64 -8.31
N LEU C 99 2.35 10.82 -8.04
CA LEU C 99 2.12 9.54 -7.40
C LEU C 99 1.59 9.71 -5.98
N SER C 100 2.12 10.70 -5.24
CA SER C 100 1.63 10.95 -3.89
C SER C 100 0.16 11.38 -3.92
N GLU C 101 -0.20 12.25 -4.87
CA GLU C 101 -1.60 12.68 -4.98
C GLU C 101 -2.50 11.50 -5.36
N ALA C 102 -2.03 10.64 -6.26
CA ALA C 102 -2.83 9.47 -6.64
C ALA C 102 -3.02 8.53 -5.45
N LEU C 103 -1.96 8.31 -4.67
CA LEU C 103 -2.09 7.45 -3.49
C LEU C 103 -3.02 8.07 -2.45
N GLU C 104 -2.95 9.40 -2.29
CA GLU C 104 -3.86 10.06 -1.36
C GLU C 104 -5.31 9.91 -1.81
N LYS C 105 -5.56 10.06 -3.10
CA LYS C 105 -6.92 9.87 -3.61
C LYS C 105 -7.38 8.43 -3.42
N LEU C 106 -6.49 7.47 -3.66
CA LEU C 106 -6.85 6.07 -3.46
C LEU C 106 -7.18 5.78 -2.00
N TRP C 107 -6.41 6.35 -1.07
CA TRP C 107 -6.69 6.17 0.34
C TRP C 107 -8.02 6.82 0.72
N ARG C 108 -8.29 8.02 0.20
CA ARG C 108 -9.56 8.68 0.47
C ARG C 108 -10.72 7.84 -0.03
N ARG C 109 -10.56 7.20 -1.19
CA ARG C 109 -11.61 6.34 -1.71
C ARG C 109 -11.77 5.08 -0.86
N HIS C 110 -10.65 4.50 -0.43
CA HIS C 110 -10.71 3.31 0.42
C HIS C 110 -11.27 3.60 1.80
N CYS C 111 -11.26 4.88 2.23
CA CYS C 111 -11.79 5.21 3.55
C CYS C 111 -13.20 4.69 3.75
N ARG C 112 -14.00 4.65 2.67
CA ARG C 112 -15.37 4.15 2.76
C ARG C 112 -15.38 2.62 2.77
#